data_4AI8
#
_entry.id   4AI8
#
_cell.length_a   86.757
_cell.length_b   86.757
_cell.length_c   145.481
_cell.angle_alpha   90.00
_cell.angle_beta   90.00
_cell.angle_gamma   90.00
#
_symmetry.space_group_name_H-M   'P 41 21 2'
#
loop_
_entity.id
_entity.type
_entity.pdbx_description
1 polymer 'HYPOXIA-INDUCIBLE FACTOR 1-ALPHA INHIBITOR'
2 non-polymer 'SULFATE ION'
3 non-polymer GLYCEROL
4 non-polymer DAMINOZIDE
5 non-polymer 'ZINC ION'
6 water water
#
_entity_poly.entity_id   1
_entity_poly.type   'polypeptide(L)'
_entity_poly.pdbx_seq_one_letter_code
;GSHMAATAAEAVASGSGEPREEAGALGPAWDESQLRSYSFPTRPIPRLSQSDPRAEELIENEEPVVLTDTNLVYPALKWD
LEYLQENIGNGDFSVYSASTHKFLYYDEKKMANFQNFKPRSNREEMKFHEFVEKLQDIQQRGGEERLYLQQTLNDTVGRK
IVMDFLGFNWNWINKQQGKRGWGQLTSNLLLIGMEGNVTPAHYDEQQNFFAQIKGYKRCILFPPDQFECLYPYPVHHPCD
RQSQVDFDNPDYERFPNFQNVVGYETVVGPGDVLYIPMYWWHHIESLLNGGITITVNFWYKGAPTPKRIEYPLKAHQKVA
IMRNIEKMLGEALGNPQEVGPLLNTMIKGRYN
;
_entity_poly.pdbx_strand_id   A
#
loop_
_chem_comp.id
_chem_comp.type
_chem_comp.name
_chem_comp.formula
DZA non-polymer DAMINOZIDE 'C6 H12 N2 O3'
GOL non-polymer GLYCEROL 'C3 H8 O3'
SO4 non-polymer 'SULFATE ION' 'O4 S -2'
ZN non-polymer 'ZINC ION' 'Zn 2'
#
# COMPACT_ATOMS: atom_id res chain seq x y z
N SER A 14 10.95 -8.38 16.38
CA SER A 14 11.90 -7.35 15.90
C SER A 14 11.15 -6.26 15.12
N GLY A 15 10.77 -6.57 13.87
CA GLY A 15 10.12 -5.57 13.04
C GLY A 15 11.13 -4.60 12.43
N SER A 16 10.96 -3.32 12.72
CA SER A 16 11.87 -2.29 12.23
C SER A 16 13.19 -2.47 12.98
N GLY A 17 13.08 -2.94 14.22
CA GLY A 17 14.23 -3.18 15.06
C GLY A 17 15.04 -1.94 15.45
N GLU A 18 16.34 -2.06 15.40
CA GLU A 18 17.25 -0.96 15.77
C GLU A 18 17.39 0.03 14.60
N PRO A 19 16.90 1.26 14.77
CA PRO A 19 16.95 2.29 13.72
C PRO A 19 18.30 2.54 13.07
N ARG A 20 18.29 2.62 11.74
CA ARG A 20 19.51 2.89 10.97
C ARG A 20 20.05 4.27 11.37
N GLU A 21 21.36 4.43 11.24
CA GLU A 21 22.02 5.70 11.55
C GLU A 21 22.45 6.45 10.30
N GLU A 22 21.97 7.68 10.13
CA GLU A 22 22.32 8.50 8.97
C GLU A 22 23.80 8.85 9.05
N ALA A 23 24.46 8.80 7.89
CA ALA A 23 25.89 9.09 7.82
C ALA A 23 26.23 10.49 8.29
N GLY A 24 27.48 10.69 8.69
CA GLY A 24 27.93 11.98 9.17
C GLY A 24 27.48 12.24 10.60
N ALA A 25 27.11 11.17 11.29
CA ALA A 25 26.65 11.27 12.67
C ALA A 25 25.46 12.22 12.82
N LEU A 26 24.52 12.16 11.89
CA LEU A 26 23.35 13.01 11.97
C LEU A 26 22.38 12.36 12.95
N GLY A 27 22.78 11.18 13.41
CA GLY A 27 22.01 10.46 14.39
C GLY A 27 20.95 9.54 13.83
N PRO A 28 20.17 8.93 14.71
CA PRO A 28 19.10 7.99 14.33
C PRO A 28 18.07 8.67 13.44
N ALA A 29 17.79 8.04 12.32
CA ALA A 29 16.83 8.55 11.35
C ALA A 29 15.46 8.71 12.01
N TRP A 30 15.09 7.69 12.79
CA TRP A 30 13.81 7.66 13.48
C TRP A 30 13.99 6.84 14.74
N ASP A 31 13.02 6.90 15.65
CA ASP A 31 13.08 6.08 16.85
C ASP A 31 11.70 5.59 17.25
N GLU A 32 11.68 4.58 18.10
CA GLU A 32 10.46 3.92 18.54
C GLU A 32 9.23 4.74 18.84
N SER A 33 9.37 5.79 19.63
CA SER A 33 8.23 6.61 19.97
C SER A 33 7.48 7.06 18.74
N GLN A 34 8.11 6.92 17.57
CA GLN A 34 7.46 7.33 16.32
C GLN A 34 6.51 6.29 15.74
N LEU A 35 6.74 5.02 16.07
CA LEU A 35 5.92 3.92 15.59
C LEU A 35 4.66 3.80 16.44
N ARG A 36 3.58 3.37 15.80
CA ARG A 36 2.34 3.14 16.53
C ARG A 36 2.41 1.78 17.20
N SER A 37 1.56 1.58 18.20
CA SER A 37 1.52 0.34 18.96
C SER A 37 0.44 -0.64 18.51
N TYR A 38 0.83 -1.89 18.30
CA TYR A 38 -0.12 -2.91 17.87
C TYR A 38 -0.03 -4.20 18.68
N SER A 39 -1.10 -4.99 18.60
CA SER A 39 -1.20 -6.23 19.34
C SER A 39 -0.37 -7.38 18.83
N PHE A 40 0.02 -7.34 17.56
CA PHE A 40 0.74 -8.46 17.00
C PHE A 40 2.27 -8.35 16.93
N PRO A 41 2.92 -9.51 16.83
CA PRO A 41 4.37 -9.64 16.73
C PRO A 41 4.73 -9.54 15.26
N THR A 42 5.93 -9.04 14.98
CA THR A 42 6.41 -8.89 13.62
C THR A 42 7.87 -9.25 13.61
N ARG A 43 8.36 -9.56 12.43
CA ARG A 43 9.75 -9.85 12.22
C ARG A 43 10.18 -8.93 11.08
N PRO A 44 11.49 -8.71 10.93
CA PRO A 44 12.01 -7.83 9.88
C PRO A 44 12.05 -8.37 8.45
N ILE A 45 11.74 -7.51 7.50
CA ILE A 45 11.85 -7.86 6.10
C ILE A 45 13.33 -7.61 5.84
N PRO A 46 13.99 -8.51 5.13
CA PRO A 46 15.42 -8.29 4.89
C PRO A 46 15.74 -7.11 3.97
N ARG A 47 16.67 -6.27 4.41
CA ARG A 47 17.14 -5.13 3.65
C ARG A 47 18.42 -5.61 2.98
N LEU A 48 18.36 -5.73 1.67
CA LEU A 48 19.50 -6.22 0.92
C LEU A 48 19.94 -5.30 -0.20
N SER A 49 21.11 -5.61 -0.75
CA SER A 49 21.61 -4.88 -1.88
C SER A 49 21.01 -5.55 -3.10
N GLN A 50 20.75 -4.75 -4.13
CA GLN A 50 20.16 -5.22 -5.36
C GLN A 50 21.08 -6.21 -6.06
N SER A 51 22.38 -6.10 -5.79
CA SER A 51 23.39 -6.98 -6.35
C SER A 51 23.32 -8.33 -5.65
N ASP A 52 22.82 -8.31 -4.42
CA ASP A 52 22.72 -9.53 -3.66
C ASP A 52 21.82 -10.55 -4.31
N PRO A 53 22.36 -11.74 -4.58
CA PRO A 53 21.57 -12.80 -5.20
C PRO A 53 20.33 -13.16 -4.35
N ARG A 54 20.46 -12.96 -3.03
CA ARG A 54 19.35 -13.26 -2.13
C ARG A 54 18.07 -12.46 -2.44
N ALA A 55 18.26 -11.21 -2.88
CA ALA A 55 17.14 -10.36 -3.20
C ALA A 55 16.38 -10.84 -4.42
N GLU A 56 17.13 -11.28 -5.43
CA GLU A 56 16.49 -11.78 -6.65
C GLU A 56 15.75 -13.07 -6.39
N GLU A 57 16.27 -13.80 -5.43
CA GLU A 57 15.67 -15.06 -5.04
C GLU A 57 14.33 -14.75 -4.38
N LEU A 58 14.38 -13.81 -3.45
CA LEU A 58 13.19 -13.38 -2.72
C LEU A 58 12.10 -12.93 -3.66
N ILE A 59 12.46 -12.06 -4.60
CA ILE A 59 11.50 -11.56 -5.56
C ILE A 59 10.96 -12.68 -6.44
N GLU A 60 11.82 -13.61 -6.83
CA GLU A 60 11.40 -14.71 -7.65
C GLU A 60 10.40 -15.58 -6.89
N ASN A 61 10.60 -15.68 -5.58
CA ASN A 61 9.72 -16.47 -4.74
C ASN A 61 8.55 -15.68 -4.20
N GLU A 62 8.38 -14.46 -4.70
CA GLU A 62 7.28 -13.62 -4.28
C GLU A 62 7.23 -13.38 -2.78
N GLU A 63 8.38 -13.04 -2.24
CA GLU A 63 8.51 -12.73 -0.83
C GLU A 63 9.03 -11.30 -0.78
N PRO A 64 8.55 -10.50 0.16
CA PRO A 64 9.02 -9.11 0.23
C PRO A 64 10.49 -8.94 0.53
N VAL A 65 11.02 -7.80 0.13
CA VAL A 65 12.41 -7.45 0.36
C VAL A 65 12.55 -5.96 0.11
N VAL A 66 13.45 -5.33 0.86
CA VAL A 66 13.74 -3.93 0.70
C VAL A 66 15.13 -3.83 0.05
N LEU A 67 15.19 -3.11 -1.07
CA LEU A 67 16.44 -2.91 -1.80
C LEU A 67 16.89 -1.54 -1.44
N THR A 68 18.09 -1.46 -0.90
CA THR A 68 18.67 -0.20 -0.45
C THR A 68 19.47 0.57 -1.49
N ASP A 69 19.81 -0.07 -2.61
CA ASP A 69 20.68 0.56 -3.60
C ASP A 69 20.28 0.56 -5.08
N THR A 70 18.99 0.59 -5.40
CA THR A 70 18.60 0.57 -6.81
C THR A 70 18.85 1.87 -7.56
N ASN A 71 18.72 3.00 -6.86
CA ASN A 71 18.87 4.32 -7.47
C ASN A 71 17.68 4.55 -8.36
N LEU A 72 16.65 3.77 -8.10
CA LEU A 72 15.43 3.83 -8.89
C LEU A 72 14.84 5.23 -9.03
N VAL A 73 14.74 5.96 -7.92
CA VAL A 73 14.20 7.31 -7.98
C VAL A 73 15.20 8.35 -7.49
N TYR A 74 16.46 8.08 -7.79
CA TYR A 74 17.59 8.91 -7.40
C TYR A 74 17.33 10.39 -7.69
N PRO A 75 16.90 10.73 -8.92
CA PRO A 75 16.61 12.11 -9.30
C PRO A 75 15.57 12.79 -8.41
N ALA A 76 14.67 11.98 -7.85
CA ALA A 76 13.61 12.51 -6.99
C ALA A 76 13.99 12.69 -5.54
N LEU A 77 15.11 12.11 -5.14
CA LEU A 77 15.51 12.22 -3.74
C LEU A 77 15.57 13.68 -3.33
N LYS A 78 15.69 14.57 -4.32
CA LYS A 78 15.75 16.00 -4.07
C LYS A 78 14.38 16.65 -3.94
N TRP A 79 13.31 15.91 -4.22
CA TRP A 79 11.99 16.51 -4.14
C TRP A 79 11.61 16.94 -2.74
N ASP A 80 10.79 17.98 -2.68
CA ASP A 80 10.22 18.54 -1.47
C ASP A 80 9.05 19.32 -2.01
N LEU A 81 8.25 19.90 -1.14
CA LEU A 81 7.06 20.65 -1.55
C LEU A 81 7.32 21.90 -2.40
N GLU A 82 8.30 22.69 -1.98
CA GLU A 82 8.67 23.89 -2.73
C GLU A 82 9.07 23.51 -4.16
N TYR A 83 9.94 22.51 -4.25
CA TYR A 83 10.41 22.04 -5.54
C TYR A 83 9.26 21.52 -6.37
N LEU A 84 8.43 20.68 -5.77
CA LEU A 84 7.30 20.14 -6.50
C LEU A 84 6.34 21.22 -6.96
N GLN A 85 5.99 22.15 -6.08
CA GLN A 85 5.08 23.22 -6.46
C GLN A 85 5.67 23.93 -7.69
N GLU A 86 6.85 24.51 -7.52
CA GLU A 86 7.54 25.24 -8.58
C GLU A 86 7.58 24.50 -9.92
N ASN A 87 7.94 23.22 -9.87
CA ASN A 87 8.12 22.46 -11.11
C ASN A 87 7.14 21.40 -11.57
N ILE A 88 6.17 21.04 -10.74
CA ILE A 88 5.24 20.00 -11.12
C ILE A 88 4.19 20.48 -12.11
N GLY A 89 4.19 21.78 -12.39
CA GLY A 89 3.23 22.33 -13.32
C GLY A 89 1.86 22.47 -12.70
N ASN A 90 0.87 22.81 -13.52
CA ASN A 90 -0.49 22.99 -13.06
C ASN A 90 -1.39 21.92 -13.64
N GLY A 91 -2.01 21.16 -12.75
CA GLY A 91 -2.90 20.09 -13.14
C GLY A 91 -3.69 19.72 -11.90
N ASP A 92 -4.77 18.96 -12.05
CA ASP A 92 -5.57 18.55 -10.91
C ASP A 92 -4.93 17.34 -10.25
N PHE A 93 -4.84 17.36 -8.93
CA PHE A 93 -4.27 16.24 -8.17
C PHE A 93 -5.33 15.67 -7.24
N SER A 94 -5.49 14.35 -7.26
CA SER A 94 -6.46 13.74 -6.38
C SER A 94 -5.93 13.83 -4.94
N VAL A 95 -6.76 14.35 -4.05
CA VAL A 95 -6.37 14.46 -2.65
C VAL A 95 -7.50 14.00 -1.76
N TYR A 96 -7.15 13.19 -0.77
CA TYR A 96 -8.10 12.61 0.15
C TYR A 96 -7.95 13.25 1.52
N SER A 97 -9.04 13.29 2.27
CA SER A 97 -9.06 13.90 3.60
C SER A 97 -9.56 12.88 4.61
N ALA A 98 -9.17 13.04 5.87
CA ALA A 98 -9.62 12.10 6.89
C ALA A 98 -9.93 12.78 8.22
N SER A 99 -10.94 12.25 8.89
CA SER A 99 -11.36 12.76 10.18
C SER A 99 -10.30 12.39 11.22
N THR A 100 -9.68 11.24 11.05
CA THR A 100 -8.66 10.75 11.96
C THR A 100 -7.42 10.32 11.17
N HIS A 101 -6.46 9.70 11.84
CA HIS A 101 -5.24 9.26 11.18
C HIS A 101 -5.44 8.12 10.18
N LYS A 102 -6.49 7.32 10.35
CA LYS A 102 -6.73 6.21 9.45
C LYS A 102 -7.52 6.62 8.23
N PHE A 103 -6.86 6.61 7.09
CA PHE A 103 -7.54 6.97 5.88
C PHE A 103 -8.45 5.83 5.45
N LEU A 104 -9.65 6.19 5.03
CA LEU A 104 -10.63 5.21 4.59
C LEU A 104 -10.83 5.33 3.09
N TYR A 105 -10.57 4.25 2.36
CA TYR A 105 -10.71 4.26 0.92
C TYR A 105 -11.88 3.40 0.53
N TYR A 106 -12.68 3.91 -0.39
CA TYR A 106 -13.79 3.12 -0.83
C TYR A 106 -13.78 3.18 -2.34
N ASP A 107 -14.28 2.13 -2.96
CA ASP A 107 -14.35 2.03 -4.41
C ASP A 107 -15.73 2.57 -4.73
N GLU A 108 -15.76 3.73 -5.37
CA GLU A 108 -17.00 4.40 -5.71
C GLU A 108 -17.96 3.64 -6.60
N LYS A 109 -17.43 2.88 -7.56
CA LYS A 109 -18.28 2.12 -8.46
C LYS A 109 -19.11 1.08 -7.71
N LYS A 110 -18.58 0.59 -6.59
CA LYS A 110 -19.26 -0.42 -5.77
C LYS A 110 -20.27 0.08 -4.73
N MET A 111 -20.38 1.40 -4.57
CA MET A 111 -21.30 1.96 -3.58
C MET A 111 -22.78 1.69 -3.82
N ALA A 112 -23.14 1.45 -5.08
CA ALA A 112 -24.53 1.17 -5.40
C ALA A 112 -25.02 -0.10 -4.68
N ASN A 113 -24.13 -1.06 -4.49
CA ASN A 113 -24.47 -2.33 -3.84
C ASN A 113 -24.79 -2.23 -2.33
N PHE A 114 -24.20 -1.27 -1.64
CA PHE A 114 -24.43 -1.08 -0.20
C PHE A 114 -24.92 0.33 0.12
N GLN A 115 -26.22 0.47 0.35
CA GLN A 115 -26.82 1.77 0.66
C GLN A 115 -26.37 2.32 2.00
N ASN A 116 -26.34 1.44 3.00
CA ASN A 116 -25.95 1.83 4.35
C ASN A 116 -24.44 2.00 4.44
N PHE A 117 -23.90 2.76 3.50
CA PHE A 117 -22.48 3.05 3.50
C PHE A 117 -22.37 4.55 3.28
N LYS A 118 -21.51 5.19 4.06
CA LYS A 118 -21.31 6.61 3.95
C LYS A 118 -19.82 6.85 3.82
N PRO A 119 -19.43 7.78 2.96
CA PRO A 119 -18.02 8.08 2.74
C PRO A 119 -17.50 8.68 4.03
N ARG A 120 -16.33 8.25 4.48
CA ARG A 120 -15.76 8.81 5.70
C ARG A 120 -14.43 9.45 5.34
N SER A 121 -14.02 9.29 4.09
CA SER A 121 -12.78 9.88 3.58
C SER A 121 -12.93 10.34 2.13
N ASN A 122 -13.45 11.55 1.99
CA ASN A 122 -13.73 12.17 0.71
C ASN A 122 -12.55 12.67 -0.11
N ARG A 123 -12.71 12.49 -1.41
CA ARG A 123 -11.75 12.89 -2.42
C ARG A 123 -12.06 14.32 -2.84
N GLU A 124 -11.04 15.06 -3.26
CA GLU A 124 -11.20 16.43 -3.72
C GLU A 124 -10.13 16.68 -4.75
N GLU A 125 -10.52 17.24 -5.89
CA GLU A 125 -9.55 17.51 -6.93
C GLU A 125 -9.01 18.92 -6.78
N MET A 126 -7.69 19.06 -6.86
CA MET A 126 -7.09 20.38 -6.72
C MET A 126 -5.76 20.56 -7.41
N LYS A 127 -5.22 21.76 -7.23
CA LYS A 127 -3.97 22.17 -7.83
C LYS A 127 -2.90 22.08 -6.76
N PHE A 128 -1.70 21.64 -7.14
CA PHE A 128 -0.62 21.48 -6.19
C PHE A 128 -0.52 22.64 -5.19
N HIS A 129 -0.49 23.86 -5.70
CA HIS A 129 -0.41 25.01 -4.80
C HIS A 129 -1.57 25.03 -3.82
N GLU A 130 -2.73 24.57 -4.26
CA GLU A 130 -3.92 24.51 -3.40
C GLU A 130 -3.71 23.51 -2.26
N PHE A 131 -3.26 22.31 -2.61
CA PHE A 131 -2.99 21.26 -1.63
C PHE A 131 -1.92 21.73 -0.66
N VAL A 132 -0.87 22.38 -1.18
CA VAL A 132 0.21 22.88 -0.34
C VAL A 132 -0.33 23.96 0.60
N GLU A 133 -1.23 24.78 0.08
CA GLU A 133 -1.84 25.84 0.87
C GLU A 133 -2.60 25.23 2.04
N LYS A 134 -3.47 24.28 1.74
CA LYS A 134 -4.26 23.61 2.77
C LYS A 134 -3.35 22.99 3.83
N LEU A 135 -2.26 22.35 3.38
CA LEU A 135 -1.33 21.72 4.30
C LEU A 135 -0.73 22.76 5.25
N GLN A 136 -0.16 23.82 4.67
CA GLN A 136 0.45 24.89 5.43
C GLN A 136 -0.58 25.51 6.38
N ASP A 137 -1.77 25.75 5.85
CA ASP A 137 -2.87 26.33 6.62
C ASP A 137 -3.17 25.50 7.86
N ILE A 138 -3.42 24.21 7.68
CA ILE A 138 -3.72 23.34 8.82
C ILE A 138 -2.58 23.41 9.83
N GLN A 139 -1.35 23.37 9.35
CA GLN A 139 -0.20 23.43 10.25
C GLN A 139 -0.30 24.65 11.16
N GLN A 140 -0.57 25.82 10.59
CA GLN A 140 -0.70 27.03 11.38
C GLN A 140 -1.99 27.03 12.21
N ARG A 141 -3.11 26.65 11.59
CA ARG A 141 -4.40 26.64 12.24
C ARG A 141 -4.64 25.47 13.21
N GLY A 142 -3.63 24.63 13.40
CA GLY A 142 -3.78 23.50 14.32
C GLY A 142 -4.98 22.63 14.09
N GLY A 143 -5.30 22.36 12.82
CA GLY A 143 -6.45 21.53 12.51
C GLY A 143 -6.32 20.08 12.94
N GLU A 144 -7.44 19.42 13.13
CA GLU A 144 -7.45 18.01 13.50
C GLU A 144 -7.05 17.23 12.25
N GLU A 145 -7.57 17.69 11.13
CA GLU A 145 -7.44 17.12 9.79
C GLU A 145 -6.10 16.63 9.29
N ARG A 146 -6.18 15.59 8.45
CA ARG A 146 -5.03 14.96 7.83
C ARG A 146 -5.34 14.88 6.33
N LEU A 147 -4.30 14.98 5.51
CA LEU A 147 -4.45 14.94 4.06
C LEU A 147 -3.49 13.99 3.38
N TYR A 148 -3.92 13.48 2.24
CA TYR A 148 -3.10 12.56 1.48
C TYR A 148 -3.25 12.84 0.00
N LEU A 149 -2.13 13.06 -0.68
CA LEU A 149 -2.15 13.31 -2.10
C LEU A 149 -1.73 12.06 -2.86
N GLN A 150 -2.65 11.53 -3.64
CA GLN A 150 -2.34 10.36 -4.41
C GLN A 150 -2.73 10.63 -5.84
N GLN A 151 -1.72 10.78 -6.68
CA GLN A 151 -1.99 11.09 -8.06
C GLN A 151 -1.12 10.30 -9.03
N THR A 152 -1.74 9.70 -10.03
CA THR A 152 -1.00 8.97 -11.03
C THR A 152 -0.25 10.03 -11.81
N LEU A 153 0.89 9.67 -12.37
CA LEU A 153 1.61 10.65 -13.15
C LEU A 153 1.54 10.40 -14.63
N ASN A 154 1.25 11.47 -15.36
CA ASN A 154 1.14 11.40 -16.82
C ASN A 154 1.86 12.61 -17.39
N ASP A 155 2.16 12.57 -18.69
CA ASP A 155 2.91 13.64 -19.34
C ASP A 155 2.16 14.97 -19.44
N THR A 156 1.90 15.59 -18.29
CA THR A 156 1.26 16.91 -18.21
C THR A 156 2.14 17.68 -17.25
N VAL A 157 3.15 16.98 -16.73
CA VAL A 157 4.02 17.58 -15.74
C VAL A 157 5.09 18.50 -16.27
N GLY A 158 5.56 19.36 -15.37
CA GLY A 158 6.59 20.33 -15.72
C GLY A 158 7.78 19.68 -16.37
N ARG A 159 8.49 20.43 -17.19
CA ARG A 159 9.66 19.90 -17.89
C ARG A 159 10.71 19.37 -16.92
N LYS A 160 10.92 20.07 -15.81
CA LYS A 160 11.89 19.61 -14.84
C LYS A 160 11.52 18.25 -14.27
N ILE A 161 10.27 18.12 -13.87
CA ILE A 161 9.79 16.86 -13.31
C ILE A 161 9.91 15.74 -14.33
N VAL A 162 9.69 16.06 -15.60
CA VAL A 162 9.78 15.04 -16.63
C VAL A 162 11.21 14.59 -16.79
N MET A 163 12.14 15.52 -16.62
CA MET A 163 13.56 15.20 -16.74
C MET A 163 13.94 14.29 -15.58
N ASP A 164 13.43 14.62 -14.40
CA ASP A 164 13.66 13.84 -13.20
C ASP A 164 13.20 12.39 -13.42
N PHE A 165 12.02 12.28 -14.02
CA PHE A 165 11.41 10.98 -14.33
C PHE A 165 12.27 10.16 -15.28
N LEU A 166 12.79 10.83 -16.28
CA LEU A 166 13.65 10.21 -17.28
C LEU A 166 14.90 9.71 -16.57
N GLY A 167 15.21 10.33 -15.43
CA GLY A 167 16.35 9.93 -14.64
C GLY A 167 16.20 8.68 -13.79
N PHE A 168 14.99 8.14 -13.68
CA PHE A 168 14.79 6.96 -12.87
C PHE A 168 15.57 5.80 -13.43
N ASN A 169 15.91 4.84 -12.59
CA ASN A 169 16.68 3.71 -13.08
C ASN A 169 15.79 2.72 -13.76
N TRP A 170 15.18 3.16 -14.86
CA TRP A 170 14.29 2.33 -15.65
C TRP A 170 14.95 1.03 -15.99
N ASN A 171 16.23 1.07 -16.31
CA ASN A 171 16.94 -0.14 -16.69
C ASN A 171 16.74 -1.24 -15.66
N TRP A 172 16.79 -0.87 -14.38
CA TRP A 172 16.61 -1.84 -13.32
C TRP A 172 15.18 -2.31 -13.17
N ILE A 173 14.23 -1.37 -13.12
CA ILE A 173 12.85 -1.79 -12.95
C ILE A 173 12.39 -2.59 -14.17
N ASN A 174 12.82 -2.19 -15.37
CA ASN A 174 12.45 -2.91 -16.58
C ASN A 174 13.02 -4.32 -16.59
N LYS A 175 14.26 -4.46 -16.13
CA LYS A 175 14.89 -5.77 -16.07
C LYS A 175 14.11 -6.65 -15.09
N GLN A 176 13.67 -6.07 -13.98
CA GLN A 176 12.91 -6.85 -13.01
C GLN A 176 11.66 -7.38 -13.70
N GLN A 177 10.93 -6.49 -14.37
CA GLN A 177 9.72 -6.91 -15.07
C GLN A 177 9.97 -8.02 -16.10
N GLY A 178 11.08 -7.90 -16.84
CA GLY A 178 11.41 -8.90 -17.84
C GLY A 178 11.76 -10.26 -17.25
N LYS A 179 12.69 -10.28 -16.32
CA LYS A 179 13.14 -11.53 -15.69
C LYS A 179 12.02 -12.33 -15.07
N ARG A 180 11.07 -11.66 -14.42
CA ARG A 180 9.99 -12.34 -13.73
C ARG A 180 8.73 -12.65 -14.56
N GLY A 181 8.71 -12.19 -15.81
CA GLY A 181 7.58 -12.47 -16.67
C GLY A 181 6.30 -11.73 -16.36
N TRP A 182 6.41 -10.62 -15.65
CA TRP A 182 5.23 -9.84 -15.32
C TRP A 182 4.73 -9.16 -16.55
N GLY A 183 3.53 -8.59 -16.46
CA GLY A 183 2.97 -7.88 -17.58
C GLY A 183 3.55 -6.49 -17.60
N GLN A 184 3.13 -5.68 -18.57
CA GLN A 184 3.62 -4.33 -18.72
C GLN A 184 3.32 -3.51 -17.48
N LEU A 185 4.10 -2.44 -17.28
CA LEU A 185 3.92 -1.58 -16.13
C LEU A 185 2.60 -0.88 -16.25
N THR A 186 1.65 -1.28 -15.39
CA THR A 186 0.32 -0.70 -15.36
C THR A 186 0.49 0.81 -15.21
N SER A 187 1.07 1.25 -14.10
CA SER A 187 1.31 2.67 -13.87
C SER A 187 2.11 2.94 -12.61
N ASN A 188 2.22 4.21 -12.25
CA ASN A 188 2.92 4.61 -11.05
C ASN A 188 2.10 5.70 -10.41
N LEU A 189 2.14 5.74 -9.09
CA LEU A 189 1.38 6.72 -8.34
C LEU A 189 2.35 7.51 -7.45
N LEU A 190 2.04 8.79 -7.28
CA LEU A 190 2.84 9.67 -6.46
C LEU A 190 2.09 9.87 -5.17
N LEU A 191 2.78 9.62 -4.05
CA LEU A 191 2.14 9.72 -2.75
C LEU A 191 2.82 10.71 -1.80
N ILE A 192 2.07 11.71 -1.37
CA ILE A 192 2.56 12.70 -0.46
C ILE A 192 1.59 12.76 0.68
N GLY A 193 2.07 12.50 1.88
CA GLY A 193 1.18 12.50 3.02
C GLY A 193 1.75 13.17 4.24
N MET A 194 0.87 13.51 5.16
CA MET A 194 1.26 14.14 6.40
C MET A 194 1.76 13.08 7.36
N GLU A 195 2.64 13.47 8.28
CA GLU A 195 3.19 12.53 9.22
C GLU A 195 2.07 11.94 10.06
N GLY A 196 2.24 10.69 10.47
CA GLY A 196 1.23 10.04 11.29
C GLY A 196 0.08 9.42 10.51
N ASN A 197 0.02 9.69 9.21
CA ASN A 197 -1.05 9.15 8.38
C ASN A 197 -0.95 7.64 8.22
N VAL A 198 -2.10 6.99 8.18
CA VAL A 198 -2.15 5.54 8.06
C VAL A 198 -3.03 5.07 6.91
N THR A 199 -2.49 4.14 6.12
CA THR A 199 -3.27 3.49 5.07
C THR A 199 -3.45 2.08 5.67
N PRO A 200 -4.64 1.80 6.20
CA PRO A 200 -5.00 0.52 6.83
C PRO A 200 -4.77 -0.70 5.98
N ALA A 201 -4.45 -1.80 6.63
CA ALA A 201 -4.15 -3.07 5.97
C ALA A 201 -5.13 -3.44 4.87
N HIS A 202 -4.58 -3.97 3.78
CA HIS A 202 -5.36 -4.37 2.64
C HIS A 202 -4.37 -5.02 1.72
N TYR A 203 -4.85 -5.54 0.60
CA TYR A 203 -3.98 -6.16 -0.39
C TYR A 203 -4.35 -5.70 -1.81
N ASP A 204 -3.40 -5.79 -2.73
CA ASP A 204 -3.64 -5.43 -4.11
C ASP A 204 -3.40 -6.71 -4.89
N GLU A 205 -3.87 -6.78 -6.13
CA GLU A 205 -3.67 -7.99 -6.90
C GLU A 205 -2.51 -7.85 -7.87
N GLN A 206 -1.76 -6.76 -7.75
CA GLN A 206 -0.64 -6.48 -8.62
C GLN A 206 0.69 -6.57 -7.86
N GLN A 207 1.79 -6.67 -8.58
CA GLN A 207 3.14 -6.69 -7.99
C GLN A 207 3.54 -5.23 -7.83
N ASN A 208 3.90 -4.80 -6.62
CA ASN A 208 4.25 -3.41 -6.38
C ASN A 208 5.70 -3.19 -5.97
N PHE A 209 6.26 -2.06 -6.42
CA PHE A 209 7.59 -1.64 -6.02
C PHE A 209 7.37 -0.32 -5.37
N PHE A 210 7.65 -0.28 -4.08
CA PHE A 210 7.42 0.88 -3.27
C PHE A 210 8.73 1.63 -3.06
N ALA A 211 8.91 2.72 -3.78
CA ALA A 211 10.13 3.50 -3.69
C ALA A 211 10.01 4.77 -2.85
N GLN A 212 10.70 4.79 -1.71
CA GLN A 212 10.63 5.92 -0.79
C GLN A 212 11.56 7.06 -1.23
N ILE A 213 11.06 8.29 -1.09
CA ILE A 213 11.76 9.49 -1.53
C ILE A 213 12.07 10.47 -0.42
N LYS A 214 11.03 10.87 0.30
CA LYS A 214 11.19 11.82 1.39
C LYS A 214 10.50 11.30 2.63
N GLY A 215 11.23 11.22 3.72
CA GLY A 215 10.64 10.74 4.96
C GLY A 215 10.69 9.23 5.12
N TYR A 216 10.10 8.77 6.22
CA TYR A 216 10.05 7.35 6.53
C TYR A 216 8.65 6.83 6.68
N LYS A 217 8.41 5.68 6.07
CA LYS A 217 7.13 5.03 6.16
C LYS A 217 7.36 3.67 6.77
N ARG A 218 6.51 3.31 7.72
CA ARG A 218 6.63 2.00 8.34
C ARG A 218 5.69 1.08 7.58
N CYS A 219 6.24 0.00 7.04
CA CYS A 219 5.47 -0.93 6.24
C CYS A 219 5.33 -2.28 6.92
N ILE A 220 4.09 -2.69 7.20
CA ILE A 220 3.83 -3.99 7.81
C ILE A 220 3.06 -4.91 6.87
N LEU A 221 3.69 -6.02 6.52
CA LEU A 221 3.11 -6.98 5.58
C LEU A 221 2.66 -8.30 6.19
N PHE A 222 1.59 -8.86 5.63
CA PHE A 222 1.08 -10.13 6.05
C PHE A 222 0.95 -10.98 4.81
N PRO A 223 1.46 -12.20 4.84
CA PRO A 223 1.34 -13.06 3.66
C PRO A 223 -0.12 -13.46 3.36
N PRO A 224 -0.39 -13.92 2.14
CA PRO A 224 -1.70 -14.35 1.66
C PRO A 224 -2.34 -15.41 2.55
N ASP A 225 -1.52 -16.32 3.08
CA ASP A 225 -2.02 -17.41 3.91
C ASP A 225 -2.57 -16.98 5.25
N GLN A 226 -2.56 -15.68 5.54
CA GLN A 226 -3.10 -15.19 6.79
C GLN A 226 -4.44 -14.50 6.59
N PHE A 227 -5.09 -14.88 5.50
CA PHE A 227 -6.39 -14.40 5.07
C PHE A 227 -7.45 -14.57 6.17
N GLU A 228 -7.38 -15.71 6.86
CA GLU A 228 -8.31 -16.04 7.93
C GLU A 228 -8.22 -15.12 9.11
N CYS A 229 -7.04 -14.57 9.33
CA CYS A 229 -6.80 -13.67 10.45
C CYS A 229 -7.11 -12.22 10.14
N LEU A 230 -7.23 -11.90 8.85
CA LEU A 230 -7.43 -10.51 8.48
C LEU A 230 -8.82 -10.10 8.06
N TYR A 231 -9.71 -11.06 7.86
CA TYR A 231 -11.13 -10.79 7.58
C TYR A 231 -11.49 -9.65 6.60
N PRO A 232 -11.15 -9.81 5.32
CA PRO A 232 -11.45 -8.78 4.31
C PRO A 232 -12.93 -8.59 4.11
N TYR A 233 -13.33 -7.42 3.62
CA TYR A 233 -14.74 -7.14 3.39
C TYR A 233 -15.22 -8.00 2.25
N PRO A 234 -16.55 -8.09 2.10
CA PRO A 234 -17.12 -8.87 1.00
C PRO A 234 -16.57 -8.25 -0.27
N VAL A 235 -16.37 -9.05 -1.30
CA VAL A 235 -15.85 -8.59 -2.57
C VAL A 235 -16.69 -7.47 -3.18
N HIS A 236 -18.00 -7.52 -2.99
CA HIS A 236 -18.89 -6.49 -3.54
C HIS A 236 -18.94 -5.25 -2.70
N HIS A 237 -18.35 -5.29 -1.52
CA HIS A 237 -18.36 -4.13 -0.66
C HIS A 237 -17.36 -3.10 -1.19
N PRO A 238 -17.66 -1.81 -0.97
CA PRO A 238 -16.80 -0.71 -1.42
C PRO A 238 -15.38 -0.83 -0.88
N CYS A 239 -15.24 -1.44 0.29
CA CYS A 239 -13.92 -1.59 0.89
C CYS A 239 -13.25 -2.92 0.58
N ASP A 240 -13.67 -3.54 -0.51
CA ASP A 240 -13.12 -4.80 -0.95
C ASP A 240 -11.61 -4.75 -0.92
N ARG A 241 -10.99 -5.80 -0.38
CA ARG A 241 -9.53 -5.94 -0.26
C ARG A 241 -8.94 -5.33 1.00
N GLN A 242 -9.76 -4.63 1.77
CA GLN A 242 -9.32 -4.04 3.03
C GLN A 242 -9.72 -4.95 4.19
N SER A 243 -8.94 -4.90 5.26
CA SER A 243 -9.23 -5.69 6.45
C SER A 243 -10.33 -4.97 7.21
N GLN A 244 -11.28 -5.73 7.74
CA GLN A 244 -12.37 -5.16 8.52
C GLN A 244 -11.87 -4.84 9.92
N VAL A 245 -10.77 -5.48 10.29
CA VAL A 245 -10.22 -5.29 11.62
C VAL A 245 -9.62 -3.93 11.83
N ASP A 246 -9.93 -3.30 12.96
CA ASP A 246 -9.36 -2.02 13.29
C ASP A 246 -8.12 -2.34 14.13
N PHE A 247 -6.95 -2.04 13.61
CA PHE A 247 -5.71 -2.35 14.32
C PHE A 247 -5.55 -1.61 15.63
N ASP A 248 -6.29 -0.52 15.78
CA ASP A 248 -6.26 0.29 16.99
C ASP A 248 -7.20 -0.25 18.07
N ASN A 249 -8.27 -0.92 17.66
CA ASN A 249 -9.21 -1.52 18.62
C ASN A 249 -9.75 -2.82 18.03
N PRO A 250 -8.90 -3.84 17.93
CA PRO A 250 -9.34 -5.13 17.36
C PRO A 250 -10.43 -5.83 18.14
N ASP A 251 -11.51 -6.16 17.45
CA ASP A 251 -12.65 -6.84 18.04
C ASP A 251 -12.44 -8.34 17.93
N TYR A 252 -11.96 -8.95 18.99
CA TYR A 252 -11.68 -10.38 18.99
C TYR A 252 -12.88 -11.30 18.93
N GLU A 253 -14.05 -10.79 19.29
CA GLU A 253 -15.24 -11.61 19.22
C GLU A 253 -15.62 -11.84 17.77
N ARG A 254 -15.46 -10.81 16.95
CA ARG A 254 -15.77 -10.91 15.53
C ARG A 254 -14.60 -11.45 14.72
N PHE A 255 -13.40 -11.04 15.11
CA PHE A 255 -12.21 -11.45 14.37
C PHE A 255 -11.22 -12.20 15.24
N PRO A 256 -11.66 -13.33 15.79
CA PRO A 256 -10.88 -14.20 16.67
C PRO A 256 -9.49 -14.54 16.19
N ASN A 257 -9.34 -14.83 14.90
CA ASN A 257 -8.03 -15.21 14.42
C ASN A 257 -7.07 -14.06 14.21
N PHE A 258 -7.51 -12.86 14.55
CA PHE A 258 -6.61 -11.74 14.44
C PHE A 258 -5.53 -11.93 15.49
N GLN A 259 -5.81 -12.80 16.47
CA GLN A 259 -4.86 -13.06 17.53
C GLN A 259 -3.76 -14.01 17.12
N ASN A 260 -3.86 -14.56 15.91
CA ASN A 260 -2.85 -15.46 15.42
C ASN A 260 -2.00 -14.81 14.33
N VAL A 261 -2.23 -13.53 14.08
CA VAL A 261 -1.57 -12.82 13.00
C VAL A 261 -0.11 -12.41 13.26
N VAL A 262 0.75 -12.69 12.30
CA VAL A 262 2.16 -12.30 12.40
C VAL A 262 2.61 -11.51 11.17
N GLY A 263 3.01 -10.27 11.38
CA GLY A 263 3.47 -9.44 10.28
C GLY A 263 4.97 -9.45 9.99
N TYR A 264 5.30 -8.86 8.86
CA TYR A 264 6.70 -8.68 8.46
C TYR A 264 6.78 -7.18 8.45
N GLU A 265 7.79 -6.66 9.12
CA GLU A 265 7.89 -5.23 9.26
C GLU A 265 9.23 -4.65 8.80
N THR A 266 9.16 -3.37 8.42
CA THR A 266 10.33 -2.62 8.01
C THR A 266 9.96 -1.17 7.86
N VAL A 267 10.95 -0.31 7.96
CA VAL A 267 10.71 1.11 7.76
C VAL A 267 11.54 1.54 6.56
N VAL A 268 10.88 2.08 5.55
CA VAL A 268 11.61 2.52 4.38
C VAL A 268 11.88 3.99 4.48
N GLY A 269 13.05 4.39 3.97
CA GLY A 269 13.47 5.76 3.98
C GLY A 269 13.93 6.16 2.58
N PRO A 270 14.38 7.40 2.39
CA PRO A 270 14.84 7.92 1.10
C PRO A 270 15.80 6.98 0.39
N GLY A 271 15.45 6.57 -0.81
CA GLY A 271 16.31 5.66 -1.55
C GLY A 271 15.96 4.19 -1.46
N ASP A 272 15.04 3.83 -0.56
CA ASP A 272 14.66 2.43 -0.42
C ASP A 272 13.49 2.02 -1.33
N VAL A 273 13.53 0.78 -1.80
CA VAL A 273 12.45 0.25 -2.61
C VAL A 273 11.97 -1.05 -1.99
N LEU A 274 10.71 -1.09 -1.60
CA LEU A 274 10.12 -2.27 -1.00
C LEU A 274 9.32 -3.04 -2.01
N TYR A 275 9.72 -4.28 -2.26
CA TYR A 275 8.96 -5.10 -3.16
C TYR A 275 7.80 -5.68 -2.35
N ILE A 276 6.57 -5.34 -2.74
CA ILE A 276 5.39 -5.89 -2.09
C ILE A 276 4.80 -6.89 -3.06
N PRO A 277 4.97 -8.21 -2.81
CA PRO A 277 4.42 -9.23 -3.73
C PRO A 277 2.91 -9.08 -3.82
N MET A 278 2.32 -9.55 -4.90
CA MET A 278 0.88 -9.43 -5.09
C MET A 278 0.13 -10.29 -4.06
N TYR A 279 -1.01 -9.77 -3.61
CA TYR A 279 -1.87 -10.44 -2.63
C TYR A 279 -1.35 -10.34 -1.21
N TRP A 280 -0.16 -9.78 -1.04
CA TRP A 280 0.37 -9.62 0.30
C TRP A 280 -0.26 -8.42 0.98
N TRP A 281 -0.79 -8.63 2.17
CA TRP A 281 -1.41 -7.57 2.93
C TRP A 281 -0.33 -6.58 3.29
N HIS A 282 -0.71 -5.33 3.34
CA HIS A 282 0.23 -4.34 3.78
C HIS A 282 -0.48 -3.23 4.50
N HIS A 283 0.15 -2.77 5.57
CA HIS A 283 -0.34 -1.71 6.42
C HIS A 283 0.80 -0.70 6.38
N ILE A 284 0.50 0.54 6.02
CA ILE A 284 1.53 1.55 5.89
C ILE A 284 1.24 2.83 6.61
N GLU A 285 2.19 3.22 7.44
CA GLU A 285 2.07 4.44 8.23
C GLU A 285 3.25 5.37 8.11
N SER A 286 2.95 6.66 8.12
CA SER A 286 3.97 7.69 8.04
C SER A 286 4.34 8.02 9.47
N LEU A 287 5.61 7.84 9.80
CA LEU A 287 6.09 8.05 11.16
C LEU A 287 5.60 9.32 11.83
N LEU A 288 5.22 9.18 13.08
CA LEU A 288 4.71 10.27 13.91
C LEU A 288 5.76 11.35 14.09
N ASN A 289 5.35 12.60 13.97
CA ASN A 289 6.24 13.73 14.14
C ASN A 289 7.45 13.64 13.22
N GLY A 290 7.40 12.74 12.24
CA GLY A 290 8.50 12.58 11.32
C GLY A 290 8.42 13.46 10.09
N GLY A 291 7.43 14.34 10.04
CA GLY A 291 7.29 15.24 8.90
C GLY A 291 6.55 14.69 7.70
N ILE A 292 6.70 15.35 6.57
CA ILE A 292 6.05 14.96 5.33
C ILE A 292 6.74 13.73 4.73
N THR A 293 5.98 12.93 3.98
CA THR A 293 6.52 11.74 3.32
C THR A 293 6.21 11.79 1.85
N ILE A 294 7.09 11.23 1.04
CA ILE A 294 6.89 11.19 -0.38
C ILE A 294 7.34 9.85 -0.86
N THR A 295 6.49 9.22 -1.66
CA THR A 295 6.76 7.92 -2.22
C THR A 295 6.23 7.88 -3.65
N VAL A 296 6.85 7.05 -4.47
CA VAL A 296 6.38 6.83 -5.82
C VAL A 296 6.21 5.32 -5.88
N ASN A 297 5.01 4.87 -6.21
CA ASN A 297 4.78 3.44 -6.27
C ASN A 297 4.59 2.99 -7.71
N PHE A 298 5.29 1.93 -8.08
CA PHE A 298 5.21 1.36 -9.41
C PHE A 298 4.55 0.01 -9.30
N TRP A 299 3.66 -0.32 -10.22
CA TRP A 299 3.09 -1.64 -10.16
C TRP A 299 2.89 -2.28 -11.50
N TYR A 300 2.96 -3.60 -11.49
CA TYR A 300 2.85 -4.44 -12.67
C TYR A 300 1.77 -5.46 -12.46
N LYS A 301 1.07 -5.82 -13.53
CA LYS A 301 0.09 -6.87 -13.45
C LYS A 301 1.00 -8.10 -13.37
N GLY A 302 0.62 -9.10 -12.57
CA GLY A 302 1.46 -10.27 -12.43
C GLY A 302 1.49 -11.13 -13.68
N ALA A 303 2.43 -12.06 -13.72
CA ALA A 303 2.55 -12.97 -14.84
C ALA A 303 1.25 -13.79 -14.92
N PRO A 304 0.79 -14.07 -16.14
CA PRO A 304 -0.45 -14.82 -16.31
C PRO A 304 -0.28 -16.26 -15.89
N THR A 305 -1.37 -16.87 -15.45
CA THR A 305 -1.39 -18.24 -14.96
C THR A 305 -1.04 -19.27 -16.03
N PRO A 306 -0.31 -20.31 -15.64
CA PRO A 306 0.11 -21.40 -16.53
C PRO A 306 -1.09 -22.23 -16.99
N LYS A 307 -0.93 -22.98 -18.07
CA LYS A 307 -1.99 -23.79 -18.68
C LYS A 307 -2.57 -24.89 -17.81
N ARG A 308 -1.70 -25.77 -17.31
CA ARG A 308 -2.08 -26.86 -16.43
C ARG A 308 -1.57 -26.41 -15.10
N ILE A 309 -2.49 -26.10 -14.20
CA ILE A 309 -2.04 -25.68 -12.88
C ILE A 309 -1.30 -26.77 -12.11
N GLU A 310 -0.56 -26.33 -11.11
CA GLU A 310 0.20 -27.25 -10.29
C GLU A 310 -0.20 -27.21 -8.84
N TYR A 311 -0.33 -28.40 -8.29
CA TYR A 311 -0.67 -28.55 -6.89
C TYR A 311 0.60 -28.95 -6.22
N PRO A 312 0.79 -28.50 -4.98
CA PRO A 312 -0.13 -27.65 -4.21
C PRO A 312 -0.28 -26.22 -4.75
N LEU A 313 -1.49 -25.68 -4.60
CA LEU A 313 -1.77 -24.32 -5.02
C LEU A 313 -1.13 -23.36 -4.03
N LYS A 314 -0.87 -22.15 -4.49
CA LYS A 314 -0.30 -21.16 -3.60
C LYS A 314 -1.48 -20.55 -2.91
N ALA A 315 -1.20 -19.91 -1.78
CA ALA A 315 -2.27 -19.26 -1.02
C ALA A 315 -2.99 -18.16 -1.81
N HIS A 316 -2.24 -17.39 -2.59
CA HIS A 316 -2.87 -16.34 -3.37
C HIS A 316 -3.84 -16.87 -4.42
N GLN A 317 -3.58 -18.08 -4.90
CA GLN A 317 -4.49 -18.66 -5.90
C GLN A 317 -5.79 -19.02 -5.20
N LYS A 318 -5.69 -19.51 -3.98
CA LYS A 318 -6.88 -19.83 -3.20
C LYS A 318 -7.64 -18.55 -2.91
N VAL A 319 -6.93 -17.46 -2.67
CA VAL A 319 -7.60 -16.19 -2.43
C VAL A 319 -8.31 -15.74 -3.69
N ALA A 320 -7.67 -15.98 -4.82
CA ALA A 320 -8.24 -15.62 -6.12
C ALA A 320 -9.49 -16.44 -6.33
N ILE A 321 -9.40 -17.72 -5.98
CA ILE A 321 -10.54 -18.60 -6.12
C ILE A 321 -11.72 -18.10 -5.30
N MET A 322 -11.47 -17.73 -4.05
CA MET A 322 -12.54 -17.23 -3.22
C MET A 322 -13.15 -15.96 -3.81
N ARG A 323 -12.31 -15.06 -4.32
CA ARG A 323 -12.82 -13.82 -4.89
C ARG A 323 -13.75 -14.13 -6.04
N ASN A 324 -13.30 -15.04 -6.89
CA ASN A 324 -14.07 -15.41 -8.07
C ASN A 324 -15.43 -16.00 -7.74
N ILE A 325 -15.47 -16.88 -6.76
CA ILE A 325 -16.75 -17.47 -6.36
C ILE A 325 -17.72 -16.37 -5.87
N GLU A 326 -17.22 -15.40 -5.11
CA GLU A 326 -18.07 -14.31 -4.64
C GLU A 326 -18.61 -13.45 -5.78
N LYS A 327 -17.78 -13.18 -6.78
CA LYS A 327 -18.20 -12.39 -7.93
C LYS A 327 -19.27 -13.12 -8.72
N MET A 328 -18.99 -14.37 -9.06
CA MET A 328 -19.93 -15.17 -9.84
C MET A 328 -21.26 -15.35 -9.14
N LEU A 329 -21.19 -15.68 -7.85
CA LEU A 329 -22.38 -15.87 -7.06
C LEU A 329 -23.20 -14.60 -7.09
N GLY A 330 -22.51 -13.46 -6.98
CA GLY A 330 -23.19 -12.19 -7.01
C GLY A 330 -23.87 -11.92 -8.34
N GLU A 331 -23.23 -12.34 -9.43
CA GLU A 331 -23.79 -12.14 -10.76
C GLU A 331 -24.96 -13.10 -11.02
N ALA A 332 -24.81 -14.33 -10.56
CA ALA A 332 -25.82 -15.38 -10.73
C ALA A 332 -27.13 -15.08 -10.01
N LEU A 333 -27.04 -14.58 -8.79
CA LEU A 333 -28.20 -14.25 -7.98
C LEU A 333 -28.85 -12.95 -8.39
N GLY A 334 -28.06 -12.09 -9.04
CA GLY A 334 -28.58 -10.82 -9.47
C GLY A 334 -28.53 -9.76 -8.39
N ASN A 335 -27.95 -10.10 -7.25
CA ASN A 335 -27.79 -9.15 -6.16
C ASN A 335 -26.58 -9.55 -5.34
N PRO A 336 -25.77 -8.57 -4.92
CA PRO A 336 -24.60 -8.94 -4.12
C PRO A 336 -25.01 -9.16 -2.66
N GLN A 337 -26.13 -8.59 -2.28
CA GLN A 337 -26.64 -8.71 -0.93
C GLN A 337 -27.01 -10.14 -0.59
N GLU A 338 -27.43 -10.92 -1.59
CA GLU A 338 -27.81 -12.31 -1.38
C GLU A 338 -26.65 -13.31 -1.25
N VAL A 339 -25.44 -12.85 -1.55
CA VAL A 339 -24.28 -13.72 -1.49
C VAL A 339 -24.10 -14.38 -0.12
N GLY A 340 -24.03 -13.57 0.93
CA GLY A 340 -23.84 -14.11 2.25
C GLY A 340 -24.90 -15.13 2.68
N PRO A 341 -26.18 -14.82 2.47
CA PRO A 341 -27.25 -15.75 2.86
C PRO A 341 -27.11 -17.09 2.17
N LEU A 342 -26.87 -17.09 0.86
CA LEU A 342 -26.72 -18.34 0.13
C LEU A 342 -25.51 -19.15 0.61
N LEU A 343 -24.40 -18.46 0.85
CA LEU A 343 -23.20 -19.15 1.32
C LEU A 343 -23.40 -19.78 2.69
N ASN A 344 -24.16 -19.12 3.55
CA ASN A 344 -24.43 -19.65 4.88
C ASN A 344 -25.32 -20.88 4.76
N THR A 345 -26.38 -20.75 3.97
CA THR A 345 -27.30 -21.85 3.70
C THR A 345 -26.47 -23.04 3.24
N MET A 346 -25.54 -22.75 2.35
CA MET A 346 -24.66 -23.75 1.76
C MET A 346 -23.73 -24.44 2.75
N ILE A 347 -23.19 -23.69 3.71
CA ILE A 347 -22.27 -24.20 4.71
C ILE A 347 -22.89 -24.82 5.98
N LYS A 348 -23.91 -24.15 6.53
CA LYS A 348 -24.52 -24.56 7.79
C LYS A 348 -25.04 -25.97 7.90
N GLY A 349 -24.43 -26.72 8.81
CA GLY A 349 -24.80 -28.09 9.06
C GLY A 349 -24.30 -29.02 7.98
N ARG A 350 -23.61 -28.47 6.99
CA ARG A 350 -23.11 -29.27 5.88
C ARG A 350 -21.59 -29.33 5.81
N TYR A 351 -20.93 -28.19 5.94
CA TYR A 351 -19.46 -28.12 5.87
C TYR A 351 -18.80 -27.55 7.13
N ASN A 352 -19.60 -27.04 8.05
CA ASN A 352 -19.03 -26.45 9.24
C ASN A 352 -19.28 -27.22 10.52
S SO4 B . 2.09 -20.34 -0.07
O1 SO4 B . 1.03 -21.00 0.73
O2 SO4 B . 3.36 -20.41 0.67
O3 SO4 B . 2.22 -21.02 -1.37
O4 SO4 B . 1.73 -18.94 -0.29
S SO4 C . -5.97 -19.80 2.69
O1 SO4 C . -4.67 -20.49 2.72
O2 SO4 C . -6.96 -20.55 3.49
O3 SO4 C . -5.83 -18.44 3.24
O4 SO4 C . -6.45 -19.71 1.30
S SO4 D . -13.18 -6.46 -8.97
O1 SO4 D . -12.77 -7.83 -8.64
O2 SO4 D . -11.98 -5.63 -8.83
O3 SO4 D . -13.71 -6.36 -10.36
O4 SO4 D . -14.24 -6.03 -8.05
S SO4 E . 1.50 12.91 14.13
O1 SO4 E . 0.22 12.26 13.78
O2 SO4 E . 1.91 12.47 15.47
O3 SO4 E . 2.53 12.51 13.16
O4 SO4 E . 1.34 14.38 14.11
S SO4 F . -9.90 21.00 11.57
O1 SO4 F . -8.84 21.52 10.67
O2 SO4 F . -10.29 19.63 11.12
O3 SO4 F . -9.41 20.94 12.96
O4 SO4 F . -11.06 21.90 11.56
C1 GOL G . -3.64 3.66 -1.47
O1 GOL G . -3.30 4.21 -2.75
C2 GOL G . -4.91 2.82 -1.58
O2 GOL G . -4.75 1.81 -2.56
C3 GOL G . -5.26 2.18 -0.22
O3 GOL G . -6.43 1.36 -0.34
C1 GOL H . -10.39 1.02 10.09
O1 GOL H . -9.55 0.86 11.24
C2 GOL H . -11.02 -0.32 9.72
O2 GOL H . -11.80 -0.81 10.82
C3 GOL H . -11.92 -0.15 8.50
O3 GOL H . -12.50 -1.39 8.16
C1 GOL I . -0.11 -17.95 10.80
O1 GOL I . -0.57 -17.00 11.77
C2 GOL I . -1.25 -18.90 10.37
O2 GOL I . -2.35 -18.15 9.82
C3 GOL I . -0.73 -19.90 9.33
O3 GOL I . -1.77 -20.82 8.93
O10 DZA J . 1.75 4.24 0.92
C09 DZA J . 0.51 4.30 1.04
O11 DZA J . -0.12 4.96 1.88
C08 DZA J . -0.32 3.12 0.50
C07 DZA J . 0.40 2.75 -0.79
C02 DZA J . -0.19 1.40 -1.20
O01 DZA J . -1.02 0.79 -0.56
N03 DZA J . 0.33 0.95 -2.36
N04 DZA J . -0.09 -0.04 -2.70
C06 DZA J . -0.71 0.32 -3.97
C05 DZA J . 1.07 -0.95 -2.75
ZN ZN K . -1.64 -1.17 -1.45
#